data_4UW6
#
_entry.id   4UW6
#
_cell.length_a   58.930
_cell.length_b   53.380
_cell.length_c   89.220
_cell.angle_alpha   90.00
_cell.angle_beta   102.89
_cell.angle_gamma   90.00
#
_symmetry.space_group_name_H-M   'I 1 2 1'
#
loop_
_entity.id
_entity.type
_entity.pdbx_description
1 polymer GALECTIN-7
2 non-polymer DENDRON-D3
3 water water
#
_entity_poly.entity_id   1
_entity_poly.type   'polypeptide(L)'
_entity_poly.pdbx_seq_one_letter_code
;MSNVPHKSSLPEGIRPGTVLRIRGLVPPNASRFHVNLLCGEEQGSDAALHFNPRLDTSEVVFNSKEQGSWGREERGPGVP
FQRGQPFEVLIIASDDGFKAVVGDAQYHHFRHRLPLARVRLVEVGGDVQLDSVRIF
;
_entity_poly.pdbx_strand_id   A,B
#
# COMPACT_ATOMS: atom_id res chain seq x y z
N PRO A 5 -15.30 -17.85 -7.28
CA PRO A 5 -15.38 -16.39 -7.16
C PRO A 5 -15.29 -15.93 -5.70
N HIS A 6 -14.15 -15.34 -5.34
CA HIS A 6 -13.85 -14.99 -3.96
C HIS A 6 -14.29 -13.55 -3.68
N LYS A 7 -15.19 -13.39 -2.71
CA LYS A 7 -15.79 -12.07 -2.47
C LYS A 7 -15.44 -11.54 -1.10
N SER A 8 -15.14 -10.24 -1.03
CA SER A 8 -14.93 -9.57 0.25
C SER A 8 -15.87 -8.39 0.28
N SER A 9 -16.95 -8.55 1.02
CA SER A 9 -17.98 -7.54 1.09
C SER A 9 -17.54 -6.33 1.94
N LEU A 10 -17.86 -5.13 1.47
CA LEU A 10 -17.45 -3.88 2.14
C LEU A 10 -18.63 -2.91 2.16
N PRO A 11 -19.69 -3.28 2.89
CA PRO A 11 -20.98 -2.60 2.72
C PRO A 11 -20.99 -1.18 3.28
N GLU A 12 -19.94 -0.81 4.02
CA GLU A 12 -19.81 0.55 4.52
C GLU A 12 -18.81 1.34 3.69
N GLY A 13 -18.29 0.74 2.62
CA GLY A 13 -17.40 1.47 1.72
C GLY A 13 -15.92 1.54 2.05
N ILE A 14 -15.16 2.16 1.13
CA ILE A 14 -13.74 2.41 1.33
C ILE A 14 -13.36 3.83 0.95
N ARG A 15 -12.24 4.24 1.53
CA ARG A 15 -11.86 5.64 1.47
C ARG A 15 -10.41 5.74 1.00
N PRO A 16 -9.98 6.93 0.55
CA PRO A 16 -8.58 7.07 0.13
C PRO A 16 -7.63 6.66 1.26
N GLY A 17 -6.61 5.87 0.92
CA GLY A 17 -5.73 5.24 1.89
C GLY A 17 -6.01 3.77 2.09
N THR A 18 -7.07 3.28 1.45
CA THR A 18 -7.35 1.86 1.48
C THR A 18 -6.36 1.16 0.55
N VAL A 19 -5.75 0.10 1.07
CA VAL A 19 -4.79 -0.70 0.32
C VAL A 19 -5.24 -2.15 0.30
N LEU A 20 -5.53 -2.66 -0.89
CA LEU A 20 -5.79 -4.08 -1.10
C LEU A 20 -4.50 -4.83 -1.39
N ARG A 21 -4.14 -5.79 -0.56
CA ARG A 21 -2.98 -6.62 -0.87
C ARG A 21 -3.42 -8.03 -1.23
N ILE A 22 -3.10 -8.44 -2.45
CA ILE A 22 -3.52 -9.74 -2.96
C ILE A 22 -2.31 -10.60 -3.20
N ARG A 23 -2.30 -11.78 -2.59
CA ARG A 23 -1.19 -12.72 -2.72
C ARG A 23 -1.68 -14.04 -3.27
N GLY A 24 -0.98 -14.55 -4.27
CA GLY A 24 -1.38 -15.83 -4.81
C GLY A 24 -0.45 -16.35 -5.87
N LEU A 25 -0.99 -17.21 -6.73
CA LEU A 25 -0.20 -17.84 -7.79
C LEU A 25 -1.01 -17.97 -9.09
N VAL A 26 -0.35 -17.77 -10.23
CA VAL A 26 -0.97 -18.03 -11.53
C VAL A 26 -0.78 -19.50 -11.88
N PRO A 27 -1.87 -20.25 -12.03
CA PRO A 27 -1.73 -21.69 -12.32
C PRO A 27 -1.08 -21.93 -13.69
N PRO A 28 -0.52 -23.14 -13.91
CA PRO A 28 0.35 -23.35 -15.07
C PRO A 28 -0.31 -23.29 -16.44
N ASN A 29 -1.63 -23.46 -16.53
CA ASN A 29 -2.33 -23.30 -17.81
C ASN A 29 -3.37 -22.18 -17.76
N ALA A 30 -3.11 -21.19 -16.92
CA ALA A 30 -4.04 -20.06 -16.78
C ALA A 30 -4.25 -19.31 -18.08
N SER A 31 -5.50 -18.92 -18.33
CA SER A 31 -5.82 -17.98 -19.41
C SER A 31 -5.85 -16.53 -18.92
N ARG A 32 -6.68 -16.25 -17.92
CA ARG A 32 -6.75 -14.88 -17.43
C ARG A 32 -7.43 -14.87 -16.06
N PHE A 33 -7.21 -13.82 -15.29
CA PHE A 33 -7.94 -13.67 -14.03
C PHE A 33 -8.18 -12.20 -13.77
N HIS A 34 -9.02 -11.88 -12.80
CA HIS A 34 -9.32 -10.46 -12.54
C HIS A 34 -9.52 -10.12 -11.06
N VAL A 35 -9.34 -8.85 -10.76
CA VAL A 35 -9.72 -8.25 -9.48
C VAL A 35 -10.72 -7.14 -9.77
N ASN A 36 -11.95 -7.25 -9.26
CA ASN A 36 -12.96 -6.24 -9.48
C ASN A 36 -13.28 -5.48 -8.19
N LEU A 37 -13.37 -4.17 -8.31
CA LEU A 37 -13.98 -3.37 -7.26
C LEU A 37 -15.39 -2.98 -7.72
N LEU A 38 -16.40 -3.57 -7.10
CA LEU A 38 -17.80 -3.40 -7.52
C LEU A 38 -18.61 -2.52 -6.57
N CYS A 39 -19.73 -2.03 -7.07
CA CYS A 39 -20.52 -1.03 -6.36
C CYS A 39 -21.73 -1.62 -5.66
N GLY A 40 -21.82 -2.94 -5.65
CA GLY A 40 -22.90 -3.62 -4.97
C GLY A 40 -22.77 -5.14 -4.96
N GLU A 41 -23.71 -5.80 -4.31
CA GLU A 41 -23.72 -7.26 -4.24
C GLU A 41 -24.52 -7.91 -5.37
N GLU A 42 -25.36 -7.14 -6.06
CA GLU A 42 -26.25 -7.69 -7.08
C GLU A 42 -25.50 -8.10 -8.35
N GLN A 43 -25.96 -9.14 -9.01
CA GLN A 43 -25.43 -9.49 -10.33
C GLN A 43 -25.43 -8.28 -11.26
N GLY A 44 -24.29 -8.02 -11.87
CA GLY A 44 -24.18 -6.96 -12.86
C GLY A 44 -23.89 -5.58 -12.30
N SER A 45 -23.56 -5.51 -11.02
N SER A 45 -23.57 -5.50 -11.01
CA SER A 45 -23.20 -4.24 -10.38
CA SER A 45 -23.25 -4.22 -10.38
C SER A 45 -22.07 -3.54 -11.13
C SER A 45 -22.08 -3.55 -11.11
N ASP A 46 -22.07 -2.21 -11.09
CA ASP A 46 -21.01 -1.44 -11.76
C ASP A 46 -19.64 -1.79 -11.17
N ALA A 47 -18.63 -1.72 -12.03
CA ALA A 47 -17.25 -1.94 -11.62
C ALA A 47 -16.48 -0.62 -11.69
N ALA A 48 -16.11 -0.10 -10.52
CA ALA A 48 -15.24 1.08 -10.45
C ALA A 48 -13.87 0.73 -11.01
N LEU A 49 -13.45 -0.51 -10.80
CA LEU A 49 -12.18 -0.98 -11.33
C LEU A 49 -12.25 -2.45 -11.69
N HIS A 50 -11.73 -2.77 -12.86
CA HIS A 50 -11.57 -4.12 -13.35
C HIS A 50 -10.10 -4.24 -13.73
N PHE A 51 -9.37 -5.10 -13.02
CA PHE A 51 -7.94 -5.31 -13.21
C PHE A 51 -7.72 -6.74 -13.70
N ASN A 52 -7.26 -6.89 -14.95
CA ASN A 52 -7.42 -8.14 -15.69
C ASN A 52 -6.13 -8.64 -16.39
N PRO A 53 -5.26 -9.34 -15.67
CA PRO A 53 -4.06 -9.94 -16.26
C PRO A 53 -4.45 -11.06 -17.21
N ARG A 54 -3.90 -11.03 -18.42
CA ARG A 54 -4.29 -11.99 -19.46
C ARG A 54 -3.04 -12.71 -19.94
N LEU A 55 -2.88 -13.93 -19.45
CA LEU A 55 -1.73 -14.75 -19.85
C LEU A 55 -1.95 -15.27 -21.25
N ASP A 56 -3.20 -15.43 -21.65
CA ASP A 56 -3.47 -16.02 -22.99
C ASP A 56 -3.17 -15.06 -24.14
N THR A 57 -3.29 -13.76 -23.88
CA THR A 57 -3.02 -12.72 -24.88
C THR A 57 -1.84 -11.81 -24.51
N SER A 58 -1.16 -12.14 -23.41
CA SER A 58 0.01 -11.40 -22.93
C SER A 58 -0.23 -9.90 -22.79
N GLU A 59 -1.20 -9.54 -21.96
CA GLU A 59 -1.48 -8.14 -21.67
C GLU A 59 -2.16 -8.03 -20.31
N VAL A 60 -2.16 -6.84 -19.75
CA VAL A 60 -2.96 -6.56 -18.56
C VAL A 60 -3.89 -5.38 -18.90
N VAL A 61 -5.20 -5.64 -18.81
CA VAL A 61 -6.23 -4.68 -19.17
C VAL A 61 -6.87 -4.08 -17.91
N PHE A 62 -7.04 -2.75 -17.91
CA PHE A 62 -7.81 -2.04 -16.89
C PHE A 62 -9.08 -1.49 -17.51
N ASN A 63 -10.22 -1.57 -16.83
CA ASN A 63 -11.43 -0.96 -17.36
C ASN A 63 -12.47 -0.67 -16.25
N SER A 64 -13.55 -0.01 -16.61
CA SER A 64 -14.70 0.19 -15.72
C SER A 64 -15.93 -0.36 -16.41
N LYS A 65 -17.00 -0.60 -15.64
CA LYS A 65 -18.27 -1.06 -16.21
C LYS A 65 -19.42 -0.28 -15.58
N GLU A 66 -20.23 0.36 -16.42
CA GLU A 66 -21.32 1.18 -15.93
C GLU A 66 -22.61 0.84 -16.66
N GLN A 67 -23.65 0.51 -15.90
CA GLN A 67 -24.93 0.08 -16.45
C GLN A 67 -24.74 -1.03 -17.50
N GLY A 68 -23.86 -1.99 -17.19
CA GLY A 68 -23.68 -3.15 -18.04
C GLY A 68 -22.67 -3.02 -19.18
N SER A 69 -22.21 -1.81 -19.45
CA SER A 69 -21.29 -1.56 -20.57
C SER A 69 -19.85 -1.27 -20.13
N TRP A 70 -18.90 -1.95 -20.75
CA TRP A 70 -17.48 -1.72 -20.50
C TRP A 70 -17.03 -0.39 -21.09
N GLY A 71 -16.17 0.32 -20.36
CA GLY A 71 -15.65 1.59 -20.83
C GLY A 71 -14.45 1.42 -21.76
N ARG A 72 -13.62 2.45 -21.83
CA ARG A 72 -12.46 2.36 -22.72
C ARG A 72 -11.33 1.70 -21.94
N GLU A 73 -10.71 0.72 -22.59
CA GLU A 73 -9.62 -0.04 -21.98
C GLU A 73 -8.34 0.76 -21.86
N GLU A 74 -7.67 0.61 -20.73
CA GLU A 74 -6.28 1.03 -20.60
C GLU A 74 -5.43 -0.21 -20.44
N ARG A 75 -4.18 -0.13 -20.89
CA ARG A 75 -3.26 -1.25 -20.73
C ARG A 75 -2.01 -0.81 -19.98
N GLY A 76 -1.46 -1.73 -19.19
CA GLY A 76 -0.19 -1.48 -18.51
C GLY A 76 0.94 -1.88 -19.42
N PRO A 77 2.19 -1.59 -18.99
CA PRO A 77 3.34 -1.99 -19.80
C PRO A 77 3.68 -3.48 -19.62
N GLY A 78 3.50 -4.28 -20.67
CA GLY A 78 3.86 -5.69 -20.62
C GLY A 78 3.03 -6.49 -19.63
N VAL A 79 3.59 -7.61 -19.16
CA VAL A 79 2.85 -8.53 -18.28
C VAL A 79 3.75 -9.06 -17.19
N PRO A 80 3.64 -8.48 -16.00
CA PRO A 80 4.48 -8.84 -14.85
C PRO A 80 3.89 -10.03 -14.10
N PHE A 81 3.42 -11.01 -14.87
CA PHE A 81 2.88 -12.26 -14.32
C PHE A 81 3.39 -13.43 -15.18
N GLN A 82 3.42 -14.63 -14.60
CA GLN A 82 3.94 -15.81 -15.30
C GLN A 82 3.18 -17.05 -14.85
N ARG A 83 2.77 -17.89 -15.80
CA ARG A 83 2.15 -19.16 -15.46
C ARG A 83 3.09 -19.96 -14.55
N GLY A 84 2.53 -20.52 -13.49
CA GLY A 84 3.31 -21.31 -12.54
C GLY A 84 4.12 -20.52 -11.53
N GLN A 85 3.90 -19.20 -11.44
CA GLN A 85 4.66 -18.38 -10.50
C GLN A 85 3.77 -17.59 -9.54
N PRO A 86 4.26 -17.44 -8.30
CA PRO A 86 3.55 -16.63 -7.31
C PRO A 86 3.63 -15.13 -7.62
N PHE A 87 2.63 -14.38 -7.17
CA PHE A 87 2.66 -12.93 -7.32
C PHE A 87 2.21 -12.24 -6.05
N GLU A 88 2.44 -10.93 -6.00
CA GLU A 88 1.85 -10.04 -4.99
C GLU A 88 1.39 -8.75 -5.66
N VAL A 89 0.10 -8.44 -5.50
CA VAL A 89 -0.46 -7.22 -6.05
C VAL A 89 -0.93 -6.28 -4.94
N LEU A 90 -0.63 -5.00 -5.05
CA LEU A 90 -1.31 -3.99 -4.24
C LEU A 90 -2.22 -3.18 -5.16
N ILE A 91 -3.47 -2.98 -4.76
CA ILE A 91 -4.29 -1.94 -5.35
C ILE A 91 -4.53 -0.86 -4.30
N ILE A 92 -4.06 0.35 -4.59
CA ILE A 92 -4.13 1.48 -3.65
C ILE A 92 -5.13 2.52 -4.13
N ALA A 93 -6.06 2.88 -3.25
CA ALA A 93 -7.05 3.92 -3.52
C ALA A 93 -6.57 5.29 -3.05
N SER A 94 -6.63 6.28 -3.93
CA SER A 94 -6.29 7.66 -3.60
C SER A 94 -7.45 8.56 -3.99
N ASP A 95 -7.30 9.87 -3.81
CA ASP A 95 -8.35 10.80 -4.21
C ASP A 95 -8.59 10.81 -5.72
N ASP A 96 -7.54 10.57 -6.52
CA ASP A 96 -7.68 10.73 -7.97
C ASP A 96 -7.83 9.42 -8.74
N GLY A 97 -7.56 8.28 -8.10
CA GLY A 97 -7.66 6.99 -8.79
C GLY A 97 -7.12 5.79 -8.02
N PHE A 98 -6.83 4.72 -8.76
CA PHE A 98 -6.23 3.52 -8.17
C PHE A 98 -4.81 3.31 -8.70
N LYS A 99 -3.89 2.96 -7.81
CA LYS A 99 -2.52 2.67 -8.22
C LYS A 99 -2.31 1.18 -8.10
N ALA A 100 -1.88 0.54 -9.18
CA ALA A 100 -1.59 -0.87 -9.15
C ALA A 100 -0.09 -1.10 -9.00
N VAL A 101 0.28 -1.94 -8.04
CA VAL A 101 1.67 -2.34 -7.84
C VAL A 101 1.81 -3.84 -8.04
N VAL A 102 2.80 -4.26 -8.84
CA VAL A 102 3.05 -5.70 -8.98
C VAL A 102 4.48 -6.03 -8.59
N GLY A 103 4.65 -6.99 -7.68
CA GLY A 103 5.99 -7.31 -7.20
C GLY A 103 6.65 -6.07 -6.61
N ASP A 104 7.83 -5.72 -7.12
N ASP A 104 7.82 -5.73 -7.15
CA ASP A 104 8.61 -4.64 -6.52
CA ASP A 104 8.64 -4.67 -6.56
C ASP A 104 8.28 -3.25 -7.08
C ASP A 104 8.40 -3.29 -7.16
N ALA A 105 7.52 -3.20 -8.16
CA ALA A 105 7.33 -1.92 -8.85
C ALA A 105 5.88 -1.52 -9.13
N GLN A 106 5.63 -0.22 -9.07
CA GLN A 106 4.34 0.31 -9.48
C GLN A 106 4.16 -0.01 -10.95
N TYR A 107 2.93 -0.34 -11.34
CA TYR A 107 2.66 -0.86 -12.67
C TYR A 107 1.81 0.11 -13.49
N HIS A 108 0.80 0.69 -12.85
CA HIS A 108 -0.15 1.52 -13.59
C HIS A 108 -1.04 2.34 -12.66
N HIS A 109 -1.42 3.54 -13.11
CA HIS A 109 -2.37 4.39 -12.40
C HIS A 109 -3.66 4.50 -13.19
N PHE A 110 -4.79 4.24 -12.53
CA PHE A 110 -6.11 4.25 -13.19
C PHE A 110 -6.96 5.33 -12.54
N ARG A 111 -7.20 6.44 -13.26
CA ARG A 111 -8.00 7.52 -12.69
C ARG A 111 -9.46 7.11 -12.49
N HIS A 112 -10.07 7.60 -11.41
CA HIS A 112 -11.46 7.27 -11.11
C HIS A 112 -12.37 7.61 -12.28
N ARG A 113 -13.29 6.70 -12.59
CA ARG A 113 -14.35 7.00 -13.56
C ARG A 113 -15.69 7.04 -12.84
N LEU A 114 -15.79 6.27 -11.77
CA LEU A 114 -16.93 6.30 -10.85
C LEU A 114 -16.48 6.87 -9.50
N PRO A 115 -17.41 7.43 -8.69
CA PRO A 115 -16.95 7.86 -7.38
C PRO A 115 -16.45 6.69 -6.53
N LEU A 116 -15.28 6.87 -5.91
CA LEU A 116 -14.72 5.86 -5.01
C LEU A 116 -15.74 5.45 -3.95
N ALA A 117 -16.55 6.41 -3.51
CA ALA A 117 -17.54 6.17 -2.46
C ALA A 117 -18.63 5.16 -2.83
N ARG A 118 -18.68 4.73 -4.08
N ARG A 118 -18.70 4.73 -4.10
CA ARG A 118 -19.71 3.77 -4.49
CA ARG A 118 -19.70 3.76 -4.51
C ARG A 118 -19.22 2.32 -4.35
C ARG A 118 -19.23 2.32 -4.33
N VAL A 119 -17.94 2.13 -4.09
CA VAL A 119 -17.38 0.77 -3.99
C VAL A 119 -17.93 0.07 -2.76
N ARG A 120 -18.41 -1.16 -2.93
CA ARG A 120 -19.00 -1.93 -1.83
C ARG A 120 -18.54 -3.38 -1.78
N LEU A 121 -17.67 -3.79 -2.68
CA LEU A 121 -17.32 -5.21 -2.77
C LEU A 121 -16.05 -5.44 -3.59
N VAL A 122 -15.20 -6.35 -3.10
CA VAL A 122 -14.02 -6.79 -3.83
C VAL A 122 -14.26 -8.23 -4.30
N GLU A 123 -14.04 -8.48 -5.59
CA GLU A 123 -14.29 -9.81 -6.10
C GLU A 123 -13.08 -10.24 -6.92
N VAL A 124 -12.59 -11.45 -6.68
CA VAL A 124 -11.47 -11.98 -7.45
C VAL A 124 -11.94 -13.24 -8.18
N GLY A 125 -11.70 -13.32 -9.49
CA GLY A 125 -12.20 -14.46 -10.22
C GLY A 125 -11.31 -14.83 -11.40
N GLY A 126 -11.64 -15.94 -12.06
CA GLY A 126 -10.83 -16.43 -13.16
C GLY A 126 -9.79 -17.44 -12.75
N ASP A 127 -8.73 -17.58 -13.57
CA ASP A 127 -7.71 -18.62 -13.36
C ASP A 127 -6.62 -18.10 -12.43
N VAL A 128 -6.86 -18.21 -11.13
CA VAL A 128 -5.91 -17.69 -10.16
C VAL A 128 -6.03 -18.53 -8.88
N GLN A 129 -4.91 -18.81 -8.26
CA GLN A 129 -4.91 -19.43 -6.93
C GLN A 129 -4.72 -18.30 -5.92
N LEU A 130 -5.74 -18.09 -5.11
CA LEU A 130 -5.78 -16.96 -4.20
C LEU A 130 -5.36 -17.45 -2.84
N ASP A 131 -4.23 -16.97 -2.35
CA ASP A 131 -3.71 -17.44 -1.08
C ASP A 131 -4.13 -16.51 0.05
N SER A 132 -4.25 -15.22 -0.25
CA SER A 132 -4.79 -14.26 0.73
C SER A 132 -5.18 -12.92 0.10
N VAL A 133 -6.29 -12.37 0.56
CA VAL A 133 -6.70 -11.01 0.25
C VAL A 133 -6.79 -10.24 1.57
N ARG A 134 -5.97 -9.20 1.74
CA ARG A 134 -6.04 -8.33 2.93
C ARG A 134 -6.43 -6.90 2.54
N ILE A 135 -7.19 -6.22 3.38
CA ILE A 135 -7.63 -4.87 3.04
C ILE A 135 -7.27 -3.90 4.16
N PHE A 136 -6.14 -3.22 4.02
CA PHE A 136 -5.59 -2.31 5.04
C PHE A 136 -6.11 -0.87 4.95
N HIS B 6 19.62 7.39 4.21
CA HIS B 6 18.97 7.40 2.88
C HIS B 6 17.86 8.43 2.81
N LYS B 7 17.69 9.05 1.64
CA LYS B 7 16.60 10.01 1.47
C LYS B 7 15.83 9.87 0.15
N SER B 8 14.51 9.93 0.25
CA SER B 8 13.63 10.06 -0.92
C SER B 8 12.98 11.44 -0.88
N SER B 9 12.85 12.09 -2.03
CA SER B 9 12.35 13.47 -2.10
C SER B 9 10.88 13.55 -2.52
N LEU B 10 10.11 14.36 -1.78
CA LEU B 10 8.70 14.60 -2.09
C LEU B 10 8.40 16.10 -2.04
N PRO B 11 8.78 16.84 -3.09
CA PRO B 11 8.77 18.30 -2.98
C PRO B 11 7.38 18.93 -2.97
N GLU B 12 6.34 18.16 -3.30
CA GLU B 12 4.98 18.68 -3.24
C GLU B 12 4.17 18.06 -2.09
N GLY B 13 4.84 17.37 -1.18
CA GLY B 13 4.17 16.72 -0.08
C GLY B 13 3.58 15.36 -0.37
N ILE B 14 2.78 14.90 0.57
CA ILE B 14 2.13 13.59 0.53
C ILE B 14 0.62 13.78 0.42
N ARG B 15 -0.07 12.87 -0.26
CA ARG B 15 -1.53 12.91 -0.30
C ARG B 15 -2.09 11.58 0.21
N PRO B 16 -3.34 11.56 0.69
CA PRO B 16 -3.94 10.31 1.15
C PRO B 16 -3.90 9.26 0.06
N GLY B 17 -3.49 8.05 0.42
CA GLY B 17 -3.22 7.00 -0.56
C GLY B 17 -1.77 6.92 -0.96
N THR B 18 -0.89 7.72 -0.34
CA THR B 18 0.54 7.52 -0.55
C THR B 18 1.01 6.32 0.28
N VAL B 19 1.73 5.39 -0.35
CA VAL B 19 2.23 4.22 0.36
C VAL B 19 3.76 4.14 0.31
N LEU B 20 4.36 4.06 1.49
CA LEU B 20 5.79 3.85 1.65
C LEU B 20 6.05 2.37 1.94
N ARG B 21 6.82 1.69 1.08
CA ARG B 21 7.20 0.31 1.37
C ARG B 21 8.69 0.24 1.66
N ILE B 22 9.04 -0.27 2.83
CA ILE B 22 10.44 -0.32 3.25
C ILE B 22 10.82 -1.76 3.52
N ARG B 23 11.83 -2.22 2.79
CA ARG B 23 12.35 -3.55 2.99
C ARG B 23 13.80 -3.48 3.44
N GLY B 24 14.16 -4.34 4.39
CA GLY B 24 15.53 -4.37 4.85
C GLY B 24 15.84 -5.46 5.86
N LEU B 25 17.01 -5.33 6.49
CA LEU B 25 17.47 -6.32 7.46
C LEU B 25 17.95 -5.62 8.73
N VAL B 26 17.54 -6.13 9.90
CA VAL B 26 18.04 -5.63 11.18
C VAL B 26 19.34 -6.35 11.54
N PRO B 27 20.47 -5.62 11.50
CA PRO B 27 21.81 -6.18 11.73
C PRO B 27 21.94 -6.87 13.11
N PRO B 28 22.97 -7.71 13.28
CA PRO B 28 23.11 -8.56 14.47
C PRO B 28 23.06 -7.89 15.84
N ASN B 29 23.64 -6.71 16.02
CA ASN B 29 23.63 -6.14 17.37
C ASN B 29 22.83 -4.84 17.49
N ALA B 30 21.80 -4.71 16.65
CA ALA B 30 21.05 -3.46 16.49
C ALA B 30 20.34 -2.95 17.76
N SER B 31 20.51 -1.67 18.04
CA SER B 31 19.75 -1.03 19.11
C SER B 31 18.41 -0.50 18.61
N ARG B 32 18.45 0.27 17.53
CA ARG B 32 17.25 0.93 17.03
C ARG B 32 17.46 1.49 15.63
N PHE B 33 16.37 1.69 14.90
CA PHE B 33 16.45 2.41 13.63
C PHE B 33 15.19 3.25 13.48
N HIS B 34 15.13 4.06 12.44
CA HIS B 34 13.98 4.95 12.27
C HIS B 34 13.60 5.15 10.83
N VAL B 35 12.32 5.46 10.64
CA VAL B 35 11.79 6.03 9.42
C VAL B 35 11.20 7.38 9.77
N ASN B 36 11.70 8.43 9.14
CA ASN B 36 11.18 9.78 9.36
C ASN B 36 10.50 10.34 8.11
N LEU B 37 9.30 10.87 8.28
CA LEU B 37 8.71 11.73 7.27
C LEU B 37 8.96 13.18 7.70
N LEU B 38 9.87 13.87 7.01
CA LEU B 38 10.32 15.19 7.44
C LEU B 38 9.67 16.32 6.67
N CYS B 39 9.37 17.42 7.35
CA CYS B 39 8.73 18.58 6.72
C CYS B 39 9.77 19.63 6.33
N GLY B 40 10.95 19.17 5.92
CA GLY B 40 12.03 20.05 5.54
C GLY B 40 13.11 19.20 4.90
N GLU B 41 14.20 19.84 4.47
CA GLU B 41 15.21 19.13 3.70
C GLU B 41 16.41 18.72 4.55
N GLU B 42 16.41 19.10 5.82
CA GLU B 42 17.50 18.75 6.71
C GLU B 42 17.17 17.51 7.54
N GLN B 43 18.21 16.81 7.99
CA GLN B 43 18.07 15.62 8.82
C GLN B 43 17.27 15.88 10.11
N GLY B 44 17.46 17.07 10.67
CA GLY B 44 16.80 17.44 11.91
C GLY B 44 15.57 18.33 11.77
N SER B 45 15.00 18.39 10.58
CA SER B 45 13.77 19.17 10.33
C SER B 45 12.64 18.68 11.22
N ASP B 46 11.62 19.50 11.40
CA ASP B 46 10.38 19.04 12.02
C ASP B 46 9.82 17.82 11.25
N ALA B 47 9.17 16.93 11.99
CA ALA B 47 8.78 15.62 11.48
C ALA B 47 7.29 15.34 11.65
N ALA B 48 6.60 15.06 10.54
CA ALA B 48 5.22 14.61 10.62
C ALA B 48 5.10 13.24 11.28
N LEU B 49 6.10 12.39 11.04
CA LEU B 49 6.13 11.06 11.63
C LEU B 49 7.55 10.61 11.89
N HIS B 50 7.76 10.04 13.07
CA HIS B 50 9.01 9.43 13.49
C HIS B 50 8.61 8.04 13.93
N PHE B 51 9.00 7.05 13.12
CA PHE B 51 8.73 5.64 13.37
C PHE B 51 10.02 4.97 13.84
N ASN B 52 10.06 4.56 15.10
CA ASN B 52 11.33 4.23 15.77
C ASN B 52 11.24 2.90 16.54
N PRO B 53 11.44 1.76 15.84
CA PRO B 53 11.57 0.43 16.47
C PRO B 53 12.80 0.35 17.37
N ARG B 54 12.62 -0.05 18.61
CA ARG B 54 13.74 -0.10 19.55
C ARG B 54 13.99 -1.54 20.00
N LEU B 55 15.02 -2.15 19.44
CA LEU B 55 15.35 -3.54 19.77
C LEU B 55 15.83 -3.68 21.21
N ASP B 56 16.80 -2.84 21.59
CA ASP B 56 17.44 -2.99 22.90
C ASP B 56 16.48 -2.84 24.08
N THR B 57 15.39 -2.10 23.90
CA THR B 57 14.39 -1.94 24.96
C THR B 57 13.06 -2.57 24.59
N SER B 58 13.05 -3.30 23.48
CA SER B 58 11.88 -4.06 23.04
C SER B 58 10.61 -3.21 23.00
N GLU B 59 10.61 -2.21 22.12
CA GLU B 59 9.45 -1.35 21.92
C GLU B 59 9.49 -0.64 20.56
N VAL B 60 8.34 -0.10 20.15
CA VAL B 60 8.28 0.68 18.92
C VAL B 60 7.60 2.01 19.20
N VAL B 61 8.34 3.11 19.05
CA VAL B 61 7.83 4.43 19.38
C VAL B 61 7.43 5.23 18.14
N PHE B 62 6.28 5.87 18.23
CA PHE B 62 5.78 6.82 17.23
C PHE B 62 5.76 8.23 17.84
N ASN B 63 6.26 9.23 17.11
CA ASN B 63 6.16 10.61 17.56
C ASN B 63 6.22 11.60 16.40
N SER B 64 5.97 12.86 16.73
CA SER B 64 6.23 13.97 15.82
C SER B 64 7.29 14.89 16.42
N LYS B 65 7.83 15.78 15.60
CA LYS B 65 8.72 16.83 16.07
C LYS B 65 8.28 18.18 15.51
N GLU B 66 8.11 19.15 16.41
CA GLU B 66 7.70 20.50 16.01
C GLU B 66 8.54 21.56 16.72
N GLN B 67 8.97 22.56 15.96
CA GLN B 67 9.91 23.57 16.43
C GLN B 67 11.11 22.93 17.13
N GLY B 68 11.57 21.79 16.61
CA GLY B 68 12.74 21.13 17.14
C GLY B 68 12.52 20.31 18.40
N SER B 69 11.28 20.26 18.89
CA SER B 69 10.96 19.49 20.09
C SER B 69 10.01 18.32 19.81
N TRP B 70 10.38 17.13 20.29
CA TRP B 70 9.52 15.96 20.20
C TRP B 70 8.18 16.19 20.90
N GLY B 71 7.11 15.61 20.34
CA GLY B 71 5.79 15.76 20.92
C GLY B 71 5.45 14.61 21.85
N ARG B 72 4.16 14.31 21.96
CA ARG B 72 3.66 13.19 22.76
C ARG B 72 3.93 11.81 22.12
N GLU B 73 4.64 10.95 22.85
CA GLU B 73 4.99 9.62 22.36
C GLU B 73 3.79 8.66 22.32
N GLU B 74 3.68 7.90 21.23
CA GLU B 74 2.70 6.82 21.14
C GLU B 74 3.47 5.51 20.99
N ARG B 75 2.90 4.40 21.45
CA ARG B 75 3.61 3.13 21.43
C ARG B 75 2.78 1.99 20.85
N GLY B 76 3.43 1.15 20.04
CA GLY B 76 2.79 -0.04 19.52
C GLY B 76 2.97 -1.21 20.46
N PRO B 77 2.29 -2.32 20.17
CA PRO B 77 2.37 -3.59 20.92
C PRO B 77 3.68 -4.35 20.69
N GLY B 78 4.57 -4.35 21.68
CA GLY B 78 5.82 -5.07 21.57
C GLY B 78 6.71 -4.64 20.41
N VAL B 79 7.46 -5.58 19.86
CA VAL B 79 8.39 -5.26 18.79
C VAL B 79 8.51 -6.41 17.76
N PRO B 80 7.81 -6.25 16.63
CA PRO B 80 7.86 -7.20 15.50
C PRO B 80 9.12 -7.00 14.65
N PHE B 81 10.27 -6.93 15.32
CA PHE B 81 11.56 -6.91 14.67
C PHE B 81 12.55 -7.73 15.48
N GLN B 82 13.43 -8.45 14.78
CA GLN B 82 14.44 -9.26 15.43
C GLN B 82 15.80 -8.96 14.83
N ARG B 83 16.84 -8.92 15.67
CA ARG B 83 18.20 -8.78 15.18
C ARG B 83 18.57 -9.93 14.24
N GLY B 84 19.09 -9.61 13.06
CA GLY B 84 19.46 -10.62 12.09
C GLY B 84 18.35 -11.07 11.16
N GLN B 85 17.18 -10.44 11.29
CA GLN B 85 16.01 -10.81 10.50
C GLN B 85 15.61 -9.75 9.47
N PRO B 86 15.23 -10.20 8.26
CA PRO B 86 14.67 -9.26 7.28
C PRO B 86 13.26 -8.82 7.69
N PHE B 87 12.82 -7.67 7.21
CA PHE B 87 11.47 -7.18 7.52
C PHE B 87 10.82 -6.50 6.33
N GLU B 88 9.51 -6.32 6.41
CA GLU B 88 8.78 -5.44 5.48
C GLU B 88 7.75 -4.57 6.21
N VAL B 89 7.88 -3.26 6.06
CA VAL B 89 6.93 -2.31 6.64
C VAL B 89 6.22 -1.51 5.56
N LEU B 90 4.90 -1.40 5.68
CA LEU B 90 4.13 -0.40 4.94
C LEU B 90 3.73 0.77 5.84
N ILE B 91 4.03 1.98 5.39
CA ILE B 91 3.44 3.17 6.02
C ILE B 91 2.46 3.80 5.03
N ILE B 92 1.17 3.66 5.36
CA ILE B 92 0.11 4.16 4.50
C ILE B 92 -0.45 5.50 4.98
N ALA B 93 -0.40 6.51 4.13
CA ALA B 93 -1.12 7.76 4.43
C ALA B 93 -2.59 7.64 4.05
N SER B 94 -3.46 7.69 5.06
CA SER B 94 -4.89 7.88 4.83
C SER B 94 -5.21 9.31 5.21
N ASP B 95 -6.46 9.72 5.06
CA ASP B 95 -6.77 11.14 5.12
C ASP B 95 -6.74 11.70 6.53
N ASP B 96 -6.75 10.84 7.54
CA ASP B 96 -6.78 11.29 8.93
C ASP B 96 -5.54 10.86 9.74
N GLY B 97 -4.75 9.93 9.20
CA GLY B 97 -3.56 9.47 9.90
C GLY B 97 -2.71 8.46 9.12
N PHE B 98 -1.59 8.05 9.70
CA PHE B 98 -0.71 7.05 9.11
C PHE B 98 -1.00 5.63 9.62
N LYS B 99 -1.15 4.68 8.70
CA LYS B 99 -1.31 3.31 9.12
C LYS B 99 0.01 2.57 8.94
N ALA B 100 0.49 1.98 10.03
CA ALA B 100 1.69 1.16 9.99
C ALA B 100 1.36 -0.33 9.92
N VAL B 101 1.81 -0.97 8.85
CA VAL B 101 1.68 -2.42 8.70
C VAL B 101 3.04 -3.11 8.76
N VAL B 102 3.19 -4.05 9.69
CA VAL B 102 4.39 -4.88 9.73
C VAL B 102 3.97 -6.33 9.48
N GLY B 103 4.72 -7.01 8.63
CA GLY B 103 4.33 -8.35 8.21
C GLY B 103 2.97 -8.29 7.58
N ASP B 104 1.97 -8.83 8.29
CA ASP B 104 0.59 -8.82 7.80
C ASP B 104 -0.38 -8.41 8.89
N ALA B 105 0.16 -7.99 10.03
CA ALA B 105 -0.65 -7.41 11.08
C ALA B 105 -0.74 -5.90 10.88
N GLN B 106 -1.93 -5.35 11.05
CA GLN B 106 -2.10 -3.90 11.08
C GLN B 106 -1.60 -3.37 12.42
N TYR B 107 -0.32 -3.02 12.47
CA TYR B 107 0.40 -2.80 13.73
C TYR B 107 -0.02 -1.57 14.54
N HIS B 108 -0.22 -0.42 13.89
CA HIS B 108 -0.54 0.80 14.62
C HIS B 108 -1.07 1.95 13.75
N HIS B 109 -1.92 2.78 14.34
CA HIS B 109 -2.47 3.94 13.65
C HIS B 109 -2.07 5.27 14.31
N PHE B 110 -1.41 6.15 13.55
CA PHE B 110 -0.89 7.42 14.10
C PHE B 110 -1.62 8.62 13.48
N ARG B 111 -2.50 9.24 14.25
CA ARG B 111 -3.28 10.35 13.74
C ARG B 111 -2.38 11.52 13.27
N HIS B 112 -2.73 12.15 12.15
CA HIS B 112 -1.94 13.27 11.60
C HIS B 112 -1.84 14.48 12.53
N ARG B 113 -0.62 14.86 12.89
CA ARG B 113 -0.40 16.01 13.77
C ARG B 113 0.07 17.22 12.98
N LEU B 114 0.77 16.95 11.87
CA LEU B 114 1.21 17.97 10.93
C LEU B 114 0.51 17.75 9.57
N PRO B 115 0.41 18.81 8.73
CA PRO B 115 -0.33 18.59 7.48
C PRO B 115 0.47 17.72 6.51
N LEU B 116 -0.21 16.78 5.84
CA LEU B 116 0.41 15.95 4.82
C LEU B 116 1.13 16.77 3.74
N ALA B 117 0.58 17.93 3.42
CA ALA B 117 1.13 18.80 2.37
C ALA B 117 2.52 19.35 2.67
N ARG B 118 2.94 19.29 3.94
CA ARG B 118 4.22 19.87 4.35
C ARG B 118 5.41 18.90 4.28
N VAL B 119 5.11 17.61 4.12
CA VAL B 119 6.17 16.60 4.04
C VAL B 119 7.03 16.87 2.80
N ARG B 120 8.33 16.71 2.95
CA ARG B 120 9.28 17.07 1.89
C ARG B 120 10.28 15.96 1.64
N LEU B 121 10.38 15.03 2.57
CA LEU B 121 11.48 14.05 2.55
C LEU B 121 11.14 12.80 3.36
N VAL B 122 11.56 11.65 2.85
CA VAL B 122 11.54 10.41 3.64
C VAL B 122 12.98 10.03 3.93
N GLU B 123 13.27 9.75 5.18
CA GLU B 123 14.63 9.41 5.61
C GLU B 123 14.62 8.13 6.45
N VAL B 124 15.56 7.24 6.14
CA VAL B 124 15.72 5.98 6.86
C VAL B 124 17.17 5.87 7.33
N GLY B 125 17.36 5.63 8.62
CA GLY B 125 18.69 5.56 9.20
C GLY B 125 18.69 4.71 10.46
N GLY B 126 19.82 4.68 11.15
CA GLY B 126 19.95 3.92 12.37
C GLY B 126 20.61 2.57 12.14
N ASP B 127 20.31 1.62 13.02
CA ASP B 127 20.88 0.28 12.92
C ASP B 127 19.99 -0.56 12.03
N VAL B 128 20.14 -0.38 10.73
CA VAL B 128 19.32 -1.12 9.76
C VAL B 128 20.08 -1.25 8.44
N GLN B 129 19.94 -2.40 7.81
CA GLN B 129 20.46 -2.62 6.47
C GLN B 129 19.32 -2.43 5.49
N LEU B 130 19.39 -1.37 4.70
CA LEU B 130 18.30 -1.01 3.79
C LEU B 130 18.43 -1.75 2.47
N ASP B 131 17.35 -2.44 2.08
CA ASP B 131 17.33 -3.16 0.82
C ASP B 131 16.61 -2.33 -0.25
N SER B 132 15.52 -1.68 0.15
CA SER B 132 14.75 -0.85 -0.77
C SER B 132 13.73 0.03 -0.08
N VAL B 133 13.55 1.23 -0.62
CA VAL B 133 12.45 2.08 -0.23
C VAL B 133 11.76 2.52 -1.51
N ARG B 134 10.45 2.33 -1.54
CA ARG B 134 9.67 2.72 -2.71
C ARG B 134 8.51 3.54 -2.23
N ILE B 135 8.17 4.56 -3.00
CA ILE B 135 6.99 5.35 -2.72
C ILE B 135 5.98 5.12 -3.84
N PHE B 136 4.81 4.66 -3.45
CA PHE B 136 3.71 4.43 -4.38
C PHE B 136 2.63 5.51 -4.18
#